data_6I4M
#
_entry.id   6I4M
#
_cell.length_a   61.410
_cell.length_b   61.510
_cell.length_c   64.940
_cell.angle_alpha   90.000
_cell.angle_beta   92.548
_cell.angle_gamma   90.000
#
_symmetry.space_group_name_H-M   'P 1 21 1'
#
loop_
_entity.id
_entity.type
_entity.pdbx_description
1 polymer Actin-2
2 polymer Gelsolin
3 non-polymer "ADENOSINE-5'-DIPHOSPHATE"
4 non-polymer 'MAGNESIUM ION'
5 non-polymer 'THIOCYANATE ION'
6 non-polymer 'CALCIUM ION'
7 water water
#
loop_
_entity_poly.entity_id
_entity_poly.type
_entity_poly.pdbx_seq_one_letter_code
_entity_poly.pdbx_strand_id
1 'polypeptide(L)'
;GPMPEESIALVVDNGSGMVKSGLAGDDAPKCVFPSIIGIPKMPNIMVGMEQKECYVGDEAQNKRGILTLKYPIE(HIC)G
IVTNWDDMEKIWRHTFFNELRVSPEEHPVLLTEAPLNPKTNREKMTQIMFESFDVPAMYVSIQAILSLYASGRTTGIVLD
SGDGVTHTVPIYEGYVLPHAINRTDMAGRDLTYYMMKLFTERGYTFTTTAEREIVRDIKEKLCYIALDYDEELKKSEERT
EEVEEMYELPDGNLITVGSERFRCPEALFNPSLIGRECPGLHITAYQSIMKCDIDIRKELYNNIVLSGGTTMYNYIGERL
TNEMTSLAPPSMKIKVIAPPERKYSVWIGGSILSSLSTFQKMWITKEEYDESGPSIVHRKCF
;
A
2 'polypeptide(L)'
;GPMVVEHPEFLKAGKEPGLQIWRVEKFDLVPVPPNLYGDFFTGDAYVILKTVQLANGNLQYDLHYWLGNECSQDESGAAA
IFTVQLDDYLNGRAVQHREVQGFESSTFSGYFKSGLKYKKGGVASGF
;
G
#
# COMPACT_ATOMS: atom_id res chain seq x y z
N ILE A 8 21.62 -5.50 4.13
CA ILE A 8 20.26 -5.69 3.62
C ILE A 8 19.25 -4.96 4.49
N ALA A 9 18.33 -4.26 3.86
CA ALA A 9 17.46 -3.35 4.58
C ALA A 9 16.36 -4.12 5.30
N LEU A 10 15.88 -3.54 6.37
CA LEU A 10 14.72 -4.06 7.06
C LEU A 10 13.55 -3.19 6.66
N VAL A 11 12.39 -3.81 6.48
CA VAL A 11 11.17 -3.11 6.13
C VAL A 11 10.16 -3.36 7.25
N VAL A 12 9.67 -2.29 7.84
CA VAL A 12 8.73 -2.38 8.95
C VAL A 12 7.54 -1.50 8.66
N ASP A 13 6.38 -2.13 8.46
CA ASP A 13 5.13 -1.41 8.23
C ASP A 13 4.39 -1.34 9.57
N ASN A 14 4.36 -0.14 10.15
CA ASN A 14 3.77 0.12 11.47
C ASN A 14 2.25 0.25 11.41
N GLY A 15 1.55 -0.89 11.42
CA GLY A 15 0.11 -0.86 11.29
C GLY A 15 -0.61 -0.54 12.59
N SER A 16 -1.77 0.09 12.43
CA SER A 16 -2.62 0.39 13.58
C SER A 16 -3.00 -0.86 14.35
N GLY A 17 -2.96 -2.02 13.71
CA GLY A 17 -3.36 -3.24 14.37
C GLY A 17 -2.32 -4.35 14.25
N MET A 18 -1.57 -4.36 13.15
CA MET A 18 -0.59 -5.41 12.86
C MET A 18 0.71 -4.80 12.34
N VAL A 19 1.83 -5.19 12.94
CA VAL A 19 3.15 -4.87 12.39
C VAL A 19 3.45 -5.87 11.29
N LYS A 20 3.81 -5.39 10.11
CA LYS A 20 4.31 -6.26 9.05
C LYS A 20 5.78 -5.95 8.87
N SER A 21 6.65 -6.93 9.13
CA SER A 21 8.08 -6.68 9.07
C SER A 21 8.79 -7.82 8.35
N GLY A 22 9.97 -7.48 7.82
CA GLY A 22 10.81 -8.46 7.16
C GLY A 22 12.02 -7.82 6.48
N LEU A 23 12.54 -8.55 5.50
CA LEU A 23 13.78 -8.23 4.84
C LEU A 23 13.51 -7.73 3.43
N ALA A 24 14.09 -6.59 3.09
CA ALA A 24 14.03 -6.07 1.74
C ALA A 24 14.48 -7.12 0.74
N GLY A 25 13.78 -7.20 -0.38
CA GLY A 25 14.08 -8.20 -1.37
C GLY A 25 13.33 -9.50 -1.21
N ASP A 26 12.66 -9.71 -0.07
CA ASP A 26 11.71 -10.81 0.04
C ASP A 26 10.38 -10.36 -0.57
N ASP A 27 9.59 -11.31 -1.04
CA ASP A 27 8.32 -10.99 -1.66
C ASP A 27 7.16 -10.93 -0.67
N ALA A 28 7.41 -11.13 0.62
CA ALA A 28 6.36 -11.04 1.63
C ALA A 28 6.99 -10.82 3.00
N PRO A 29 6.29 -10.19 3.94
CA PRO A 29 6.83 -10.01 5.30
C PRO A 29 6.87 -11.32 6.08
N LYS A 30 8.05 -11.61 6.66
CA LYS A 30 8.25 -12.86 7.39
C LYS A 30 7.75 -12.80 8.83
N CYS A 31 7.58 -11.62 9.42
CA CYS A 31 7.11 -11.52 10.81
C CYS A 31 5.94 -10.54 10.86
N VAL A 32 4.77 -11.06 11.16
CA VAL A 32 3.53 -10.28 11.23
C VAL A 32 2.91 -10.51 12.60
N PHE A 33 2.71 -9.45 13.36
CA PHE A 33 2.22 -9.63 14.72
C PHE A 33 1.47 -8.39 15.15
N PRO A 34 0.63 -8.49 16.18
CA PRO A 34 -0.21 -7.35 16.58
C PRO A 34 0.57 -6.20 17.21
N SER A 35 0.20 -4.97 16.83
N SER A 35 0.18 -4.97 16.83
CA SER A 35 0.84 -3.76 17.35
CA SER A 35 0.75 -3.75 17.41
C SER A 35 0.24 -3.33 18.69
C SER A 35 0.01 -3.41 18.71
N ILE A 36 0.27 -4.26 19.65
N ILE A 36 0.18 -4.29 19.70
CA ILE A 36 -0.39 -4.07 20.93
CA ILE A 36 -0.49 -4.17 20.98
C ILE A 36 0.60 -4.30 22.05
C ILE A 36 0.52 -4.37 22.09
N ILE A 37 0.38 -3.61 23.17
CA ILE A 37 1.14 -3.80 24.41
C ILE A 37 0.18 -4.31 25.47
N GLY A 38 0.64 -5.27 26.26
CA GLY A 38 -0.12 -5.75 27.40
C GLY A 38 0.54 -5.36 28.70
N ILE A 39 -0.17 -4.66 29.58
CA ILE A 39 0.39 -4.16 30.83
C ILE A 39 0.10 -5.19 31.91
N PRO A 40 1.12 -5.76 32.56
CA PRO A 40 0.84 -6.75 33.59
C PRO A 40 0.30 -6.13 34.87
N CYS A 54 6.29 -5.50 30.47
CA CYS A 54 5.32 -5.38 29.38
C CYS A 54 5.38 -6.55 28.42
N TYR A 55 4.21 -6.97 27.95
CA TYR A 55 4.11 -7.99 26.91
C TYR A 55 3.84 -7.30 25.58
N VAL A 56 4.40 -7.83 24.51
CA VAL A 56 4.23 -7.26 23.18
C VAL A 56 3.72 -8.30 22.21
N GLY A 57 2.80 -7.90 21.34
CA GLY A 57 2.39 -8.75 20.23
C GLY A 57 1.50 -9.89 20.67
N ASP A 58 1.80 -11.09 20.18
CA ASP A 58 0.96 -12.25 20.47
C ASP A 58 0.97 -12.60 21.96
N GLU A 59 2.12 -12.47 22.63
CA GLU A 59 2.14 -12.76 24.06
C GLU A 59 1.13 -11.91 24.81
N ALA A 60 0.89 -10.69 24.35
CA ALA A 60 0.01 -9.76 25.03
C ALA A 60 -1.44 -10.22 25.03
N GLN A 61 -1.85 -11.04 24.08
CA GLN A 61 -3.22 -11.52 24.03
C GLN A 61 -3.42 -12.88 24.69
N ASN A 62 -2.34 -13.57 25.04
CA ASN A 62 -2.42 -14.92 25.58
C ASN A 62 -2.30 -14.95 27.11
N LYS A 63 -1.92 -13.83 27.73
CA LYS A 63 -1.76 -13.74 29.17
C LYS A 63 -3.09 -13.33 29.80
N ARG A 64 -3.55 -14.12 30.79
CA ARG A 64 -4.80 -13.83 31.46
C ARG A 64 -4.69 -12.63 32.40
N GLY A 65 -3.56 -12.49 33.08
CA GLY A 65 -3.41 -11.46 34.11
C GLY A 65 -3.04 -10.10 33.56
N ILE A 66 -3.92 -9.54 32.74
CA ILE A 66 -3.63 -8.33 31.98
C ILE A 66 -4.58 -7.23 32.45
N LEU A 67 -4.01 -6.16 33.02
CA LEU A 67 -4.79 -4.96 33.28
C LEU A 67 -5.46 -4.46 32.01
N THR A 68 -4.65 -4.04 31.02
CA THR A 68 -5.18 -3.43 29.81
C THR A 68 -4.30 -3.80 28.63
N LEU A 69 -4.93 -3.91 27.46
CA LEU A 69 -4.22 -3.94 26.18
C LEU A 69 -4.16 -2.52 25.63
N LYS A 70 -2.97 -2.10 25.19
CA LYS A 70 -2.76 -0.76 24.65
C LYS A 70 -2.36 -0.84 23.19
N TYR A 71 -2.99 0.02 22.38
CA TYR A 71 -2.72 0.24 20.97
C TYR A 71 -1.92 1.54 20.88
N PRO A 72 -0.60 1.50 20.66
CA PRO A 72 0.15 2.76 20.60
C PRO A 72 0.04 3.47 19.26
N ILE A 73 -0.56 2.83 18.26
CA ILE A 73 -0.77 3.40 16.94
C ILE A 73 -2.23 3.26 16.55
N GLU A 74 -3.13 3.68 17.43
CA GLU A 74 -4.50 3.17 17.40
C GLU A 74 -5.23 3.43 16.08
N GLY A 76 -3.48 4.81 13.31
CA GLY A 76 -2.43 4.93 12.32
C GLY A 76 -1.39 5.97 12.68
N ILE A 77 -1.71 6.82 13.67
CA ILE A 77 -0.81 7.84 14.20
C ILE A 77 -0.26 7.35 15.55
N VAL A 78 1.07 7.37 15.71
CA VAL A 78 1.70 6.98 16.97
C VAL A 78 1.31 7.96 18.07
N THR A 79 0.80 7.44 19.18
CA THR A 79 0.51 8.30 20.32
C THR A 79 1.42 8.09 21.52
N ASN A 80 2.00 6.90 21.69
CA ASN A 80 2.87 6.66 22.84
C ASN A 80 4.22 6.18 22.31
N TRP A 81 5.22 7.06 22.39
CA TRP A 81 6.48 6.76 21.74
C TRP A 81 7.29 5.75 22.54
N ASP A 82 7.12 5.71 23.86
CA ASP A 82 7.79 4.68 24.64
C ASP A 82 7.25 3.29 24.28
N ASP A 83 5.93 3.15 24.17
CA ASP A 83 5.35 1.88 23.73
C ASP A 83 5.75 1.52 22.30
N MET A 84 5.82 2.53 21.41
CA MET A 84 6.24 2.25 20.03
C MET A 84 7.67 1.72 20.00
N GLU A 85 8.54 2.27 20.85
CA GLU A 85 9.91 1.78 20.91
C GLU A 85 9.95 0.34 21.41
N LYS A 86 9.05 -0.02 22.34
CA LYS A 86 8.96 -1.41 22.77
C LYS A 86 8.55 -2.33 21.63
N ILE A 87 7.59 -1.89 20.80
CA ILE A 87 7.20 -2.69 19.65
C ILE A 87 8.37 -2.87 18.70
N TRP A 88 9.15 -1.80 18.47
CA TRP A 88 10.30 -1.90 17.56
C TRP A 88 11.38 -2.79 18.16
N ARG A 89 11.62 -2.72 19.48
CA ARG A 89 12.55 -3.64 20.13
C ARG A 89 12.13 -5.09 19.88
N HIS A 90 10.83 -5.36 20.07
CA HIS A 90 10.32 -6.71 19.88
C HIS A 90 10.46 -7.13 18.43
N THR A 91 10.23 -6.18 17.50
CA THR A 91 10.36 -6.45 16.07
C THR A 91 11.78 -6.89 15.73
N PHE A 92 12.79 -6.11 16.18
CA PHE A 92 14.16 -6.35 15.80
C PHE A 92 14.74 -7.58 16.51
N PHE A 93 14.54 -7.66 17.82
CA PHE A 93 15.27 -8.62 18.64
C PHE A 93 14.52 -9.92 18.87
N ASN A 94 13.20 -9.90 18.92
CA ASN A 94 12.44 -11.11 19.19
C ASN A 94 11.87 -11.73 17.92
N GLU A 95 11.59 -10.93 16.90
CA GLU A 95 10.93 -11.44 15.71
C GLU A 95 11.92 -11.63 14.56
N LEU A 96 12.48 -10.53 14.05
CA LEU A 96 13.45 -10.62 12.96
C LEU A 96 14.78 -11.20 13.44
N ARG A 97 15.14 -10.95 14.70
CA ARG A 97 16.39 -11.45 15.29
C ARG A 97 17.60 -10.90 14.55
N VAL A 98 17.63 -9.58 14.42
CA VAL A 98 18.72 -8.89 13.77
C VAL A 98 19.26 -7.80 14.71
N SER A 99 20.47 -7.34 14.38
CA SER A 99 21.08 -6.19 15.02
C SER A 99 20.71 -4.92 14.25
N PRO A 100 19.93 -4.01 14.83
CA PRO A 100 19.55 -2.80 14.09
C PRO A 100 20.74 -1.93 13.71
N GLU A 101 21.88 -2.04 14.39
N GLU A 101 21.88 -2.07 14.39
CA GLU A 101 23.03 -1.22 14.03
CA GLU A 101 23.06 -1.28 14.07
C GLU A 101 23.72 -1.72 12.76
C GLU A 101 23.71 -1.72 12.77
N GLU A 102 23.25 -2.83 12.18
CA GLU A 102 23.84 -3.40 10.99
C GLU A 102 22.97 -3.24 9.74
N HIS A 103 21.80 -2.63 9.86
CA HIS A 103 20.83 -2.64 8.78
C HIS A 103 20.21 -1.27 8.62
N PRO A 104 20.08 -0.75 7.40
CA PRO A 104 19.15 0.37 7.19
C PRO A 104 17.72 -0.10 7.40
N VAL A 105 16.89 0.81 7.90
CA VAL A 105 15.52 0.48 8.25
C VAL A 105 14.57 1.40 7.49
N LEU A 106 13.69 0.80 6.70
N LEU A 106 13.68 0.80 6.72
CA LEU A 106 12.58 1.52 6.06
CA LEU A 106 12.60 1.54 6.07
C LEU A 106 11.34 1.40 6.95
C LEU A 106 11.33 1.41 6.91
N LEU A 107 10.83 2.54 7.39
CA LEU A 107 9.63 2.59 8.21
C LEU A 107 8.49 3.17 7.39
N THR A 108 7.26 2.74 7.70
CA THR A 108 6.12 3.33 7.02
C THR A 108 5.37 4.27 7.95
N GLU A 109 4.62 5.18 7.33
CA GLU A 109 3.82 6.14 8.06
C GLU A 109 2.48 6.33 7.37
N ALA A 110 1.53 6.81 8.12
CA ALA A 110 0.26 7.15 7.56
C ALA A 110 0.37 8.40 6.71
N PRO A 111 -0.53 8.56 5.74
CA PRO A 111 -0.73 9.86 5.10
C PRO A 111 -1.09 10.91 6.15
N LEU A 112 -0.61 12.15 5.92
CA LEU A 112 -0.87 13.29 6.81
C LEU A 112 -0.29 13.09 8.19
N ASN A 113 0.81 12.37 8.28
CA ASN A 113 1.48 12.12 9.54
C ASN A 113 2.07 13.42 10.10
N PRO A 114 1.72 13.81 11.33
CA PRO A 114 2.24 15.07 11.87
C PRO A 114 3.76 15.15 11.86
N LYS A 115 4.25 16.36 11.55
N LYS A 115 4.26 16.35 11.54
CA LYS A 115 5.69 16.56 11.40
CA LYS A 115 5.69 16.54 11.40
C LYS A 115 6.47 16.13 12.64
C LYS A 115 6.47 16.13 12.64
N THR A 116 5.99 16.46 13.83
CA THR A 116 6.75 16.11 15.04
C THR A 116 6.85 14.60 15.21
N ASN A 117 5.88 13.85 14.71
CA ASN A 117 5.98 12.39 14.81
C ASN A 117 6.99 11.84 13.81
N ARG A 118 7.13 12.46 12.62
CA ARG A 118 8.17 12.01 11.69
C ARG A 118 9.54 12.23 12.29
N GLU A 119 9.72 13.38 12.96
CA GLU A 119 10.97 13.69 13.64
C GLU A 119 11.24 12.71 14.77
N LYS A 120 10.21 12.37 15.57
CA LYS A 120 10.41 11.46 16.69
C LYS A 120 10.80 10.06 16.21
N MET A 121 10.19 9.61 15.10
N MET A 121 10.23 9.62 15.10
CA MET A 121 10.59 8.32 14.51
CA MET A 121 10.60 8.29 14.60
C MET A 121 12.08 8.31 14.22
C MET A 121 12.07 8.28 14.15
N THR A 122 12.54 9.37 13.55
CA THR A 122 13.94 9.47 13.16
C THR A 122 14.85 9.47 14.38
N GLN A 123 14.49 10.27 15.38
CA GLN A 123 15.27 10.36 16.60
C GLN A 123 15.39 9.01 17.30
N ILE A 124 14.29 8.28 17.41
CA ILE A 124 14.33 6.98 18.09
C ILE A 124 15.19 6.00 17.32
N MET A 125 15.05 5.96 15.99
CA MET A 125 15.86 5.03 15.22
C MET A 125 17.35 5.28 15.44
N PHE A 126 17.78 6.54 15.35
CA PHE A 126 19.21 6.84 15.49
C PHE A 126 19.70 6.83 16.93
N GLU A 127 18.94 7.42 17.87
CA GLU A 127 19.42 7.56 19.25
C GLU A 127 19.12 6.35 20.13
N SER A 128 18.01 5.65 19.92
CA SER A 128 17.70 4.47 20.73
C SER A 128 18.20 3.17 20.12
N PHE A 129 18.13 3.03 18.80
CA PHE A 129 18.53 1.78 18.15
C PHE A 129 19.86 1.87 17.42
N ASP A 130 20.41 3.06 17.23
CA ASP A 130 21.71 3.21 16.61
C ASP A 130 21.73 2.63 15.19
N VAL A 131 20.65 2.80 14.45
CA VAL A 131 20.64 2.28 13.08
C VAL A 131 21.63 3.09 12.26
N PRO A 132 22.23 2.50 11.23
CA PRO A 132 23.16 3.25 10.38
C PRO A 132 22.46 4.20 9.44
N ALA A 133 21.20 3.91 9.12
CA ALA A 133 20.45 4.70 8.14
C ALA A 133 18.99 4.31 8.23
N MET A 134 18.12 5.23 7.85
N MET A 134 18.11 5.25 7.88
CA MET A 134 16.69 4.92 7.82
CA MET A 134 16.68 4.94 7.84
C MET A 134 16.00 5.75 6.74
C MET A 134 15.98 5.82 6.81
N TYR A 135 14.71 5.50 6.58
CA TYR A 135 13.87 6.21 5.62
C TYR A 135 12.43 6.02 6.09
N VAL A 136 11.58 6.99 5.75
CA VAL A 136 10.15 6.91 6.08
C VAL A 136 9.35 7.06 4.79
N SER A 137 8.44 6.10 4.54
CA SER A 137 7.58 6.13 3.37
C SER A 137 6.10 6.11 3.74
N ILE A 138 5.29 6.80 2.95
CA ILE A 138 3.84 6.79 3.12
C ILE A 138 3.28 5.45 2.66
N GLN A 139 2.42 4.86 3.51
CA GLN A 139 1.86 3.53 3.24
C GLN A 139 1.19 3.48 1.87
N ALA A 140 0.33 4.46 1.57
CA ALA A 140 -0.42 4.43 0.31
C ALA A 140 0.50 4.53 -0.90
N ILE A 141 1.58 5.29 -0.80
CA ILE A 141 2.53 5.36 -1.90
C ILE A 141 3.11 3.99 -2.18
N LEU A 142 3.51 3.29 -1.11
CA LEU A 142 4.12 1.97 -1.28
C LEU A 142 3.16 0.98 -1.92
N SER A 143 1.89 1.01 -1.50
CA SER A 143 0.89 0.14 -2.11
C SER A 143 0.71 0.46 -3.57
N LEU A 144 0.72 1.75 -3.93
CA LEU A 144 0.54 2.10 -5.32
C LEU A 144 1.70 1.55 -6.16
N TYR A 145 2.93 1.71 -5.65
CA TYR A 145 4.11 1.17 -6.33
C TYR A 145 4.01 -0.35 -6.49
N ALA A 146 3.58 -1.04 -5.44
CA ALA A 146 3.48 -2.49 -5.50
C ALA A 146 2.52 -2.95 -6.59
N SER A 147 1.48 -2.16 -6.89
CA SER A 147 0.57 -2.40 -8.01
C SER A 147 1.12 -1.96 -9.37
N GLY A 148 2.32 -1.39 -9.43
CA GLY A 148 2.92 -1.03 -10.69
C GLY A 148 2.38 0.25 -11.31
N ARG A 149 2.04 1.23 -10.47
CA ARG A 149 1.39 2.47 -10.89
C ARG A 149 2.09 3.65 -10.23
N THR A 150 2.03 4.81 -10.88
CA THR A 150 2.43 6.08 -10.28
C THR A 150 1.26 7.02 -10.03
N THR A 151 0.09 6.71 -10.57
CA THR A 151 -1.08 7.55 -10.43
C THR A 151 -2.24 6.63 -10.12
N GLY A 152 -3.05 7.03 -9.14
CA GLY A 152 -4.24 6.29 -8.78
C GLY A 152 -4.76 6.80 -7.44
N ILE A 153 -5.88 6.22 -7.01
CA ILE A 153 -6.43 6.52 -5.69
C ILE A 153 -6.41 5.23 -4.89
N VAL A 154 -5.69 5.25 -3.76
CA VAL A 154 -5.52 4.08 -2.93
C VAL A 154 -6.58 4.15 -1.84
N LEU A 155 -7.34 3.07 -1.68
CA LEU A 155 -8.26 2.91 -0.56
C LEU A 155 -7.68 1.83 0.34
N ASP A 156 -7.08 2.26 1.45
CA ASP A 156 -6.32 1.41 2.35
C ASP A 156 -7.12 1.27 3.63
N SER A 157 -7.77 0.10 3.78
CA SER A 157 -8.61 -0.15 4.95
C SER A 157 -7.90 -1.19 5.81
N GLY A 158 -7.45 -0.76 6.98
CA GLY A 158 -6.64 -1.58 7.85
C GLY A 158 -7.44 -1.99 9.07
N ASP A 159 -6.86 -1.83 10.26
CA ASP A 159 -7.48 -2.30 11.48
C ASP A 159 -8.19 -1.16 12.20
N GLY A 160 -7.47 -0.08 12.54
CA GLY A 160 -8.05 1.06 13.22
C GLY A 160 -8.22 2.30 12.36
N VAL A 161 -7.99 2.21 11.05
CA VAL A 161 -8.08 3.39 10.20
C VAL A 161 -8.26 2.96 8.75
N THR A 162 -9.02 3.77 8.01
CA THR A 162 -9.14 3.67 6.56
C THR A 162 -8.67 5.00 5.94
N HIS A 163 -7.72 4.90 5.02
CA HIS A 163 -7.20 6.06 4.30
C HIS A 163 -7.66 6.03 2.84
N THR A 164 -8.08 7.18 2.35
CA THR A 164 -8.40 7.39 0.94
C THR A 164 -7.41 8.40 0.38
N VAL A 165 -6.55 7.97 -0.54
CA VAL A 165 -5.35 8.71 -0.88
C VAL A 165 -5.17 8.85 -2.40
N PRO A 166 -5.60 9.96 -2.97
CA PRO A 166 -5.29 10.23 -4.37
C PRO A 166 -3.81 10.54 -4.54
N ILE A 167 -3.22 9.97 -5.59
CA ILE A 167 -1.80 10.10 -5.91
C ILE A 167 -1.64 10.39 -7.40
N TYR A 168 -0.83 11.40 -7.72
CA TYR A 168 -0.54 11.78 -9.10
C TYR A 168 0.96 11.83 -9.31
N GLU A 169 1.41 11.05 -10.29
CA GLU A 169 2.79 11.02 -10.74
C GLU A 169 3.74 10.87 -9.56
N GLY A 170 3.36 10.02 -8.60
CA GLY A 170 4.25 9.67 -7.52
C GLY A 170 4.07 10.43 -6.24
N TYR A 171 3.12 11.38 -6.17
CA TYR A 171 2.98 12.20 -4.98
C TYR A 171 1.53 12.25 -4.53
N VAL A 172 1.33 12.08 -3.22
CA VAL A 172 0.00 12.19 -2.65
C VAL A 172 -0.48 13.62 -2.87
N LEU A 173 -1.79 13.78 -2.98
CA LEU A 173 -2.45 15.08 -3.09
C LEU A 173 -3.07 15.39 -1.73
N PRO A 174 -2.37 16.13 -0.87
CA PRO A 174 -2.79 16.16 0.56
C PRO A 174 -4.16 16.78 0.79
N HIS A 175 -4.54 17.78 -0.01
CA HIS A 175 -5.84 18.43 0.13
C HIS A 175 -7.00 17.48 -0.18
N ALA A 176 -6.74 16.37 -0.85
CA ALA A 176 -7.79 15.44 -1.22
C ALA A 176 -7.79 14.14 -0.42
N ILE A 177 -6.88 14.00 0.53
CA ILE A 177 -6.79 12.79 1.33
C ILE A 177 -7.91 12.77 2.36
N ASN A 178 -8.51 11.59 2.60
CA ASN A 178 -9.43 11.39 3.70
C ASN A 178 -8.93 10.30 4.63
N ARG A 179 -9.22 10.48 5.91
CA ARG A 179 -9.01 9.46 6.92
C ARG A 179 -10.29 9.26 7.73
N THR A 180 -10.66 8.01 7.99
CA THR A 180 -11.68 7.68 8.96
C THR A 180 -11.20 6.57 9.88
N ASP A 181 -11.61 6.63 11.16
CA ASP A 181 -11.27 5.58 12.10
C ASP A 181 -11.98 4.24 11.81
N MET A 182 -12.98 4.24 10.94
CA MET A 182 -13.74 3.03 10.67
C MET A 182 -12.88 2.05 9.85
N ALA A 183 -12.64 0.85 10.39
CA ALA A 183 -11.98 -0.19 9.61
C ALA A 183 -12.24 -1.56 10.24
N GLY A 184 -11.29 -2.48 10.11
CA GLY A 184 -11.49 -3.87 10.51
C GLY A 184 -11.83 -4.08 11.96
N ARG A 185 -11.25 -3.27 12.86
CA ARG A 185 -11.51 -3.44 14.29
C ARG A 185 -12.98 -3.20 14.61
N ASP A 186 -13.54 -2.14 14.00
CA ASP A 186 -14.96 -1.86 14.14
C ASP A 186 -15.80 -3.01 13.60
N LEU A 187 -15.38 -3.65 12.52
CA LEU A 187 -16.17 -4.75 11.97
C LEU A 187 -16.11 -5.99 12.85
N THR A 188 -14.96 -6.26 13.48
CA THR A 188 -14.92 -7.32 14.48
C THR A 188 -15.92 -7.06 15.60
N TYR A 189 -15.93 -5.84 16.13
CA TYR A 189 -16.88 -5.50 17.20
C TYR A 189 -18.33 -5.65 16.72
N TYR A 190 -18.60 -5.27 15.47
CA TYR A 190 -19.96 -5.37 14.97
C TYR A 190 -20.39 -6.84 14.85
N MET A 191 -19.46 -7.71 14.44
CA MET A 191 -19.76 -9.13 14.36
C MET A 191 -20.06 -9.68 15.75
N MET A 192 -19.31 -9.23 16.75
CA MET A 192 -19.58 -9.61 18.13
C MET A 192 -21.00 -9.21 18.53
N LYS A 193 -21.38 -7.97 18.19
CA LYS A 193 -22.71 -7.48 18.51
C LYS A 193 -23.79 -8.28 17.78
N LEU A 194 -23.56 -8.57 16.49
CA LEU A 194 -24.55 -9.35 15.75
C LEU A 194 -24.74 -10.73 16.36
N PHE A 195 -23.66 -11.35 16.82
CA PHE A 195 -23.81 -12.65 17.46
C PHE A 195 -24.55 -12.51 18.79
N THR A 196 -24.32 -11.41 19.51
CA THR A 196 -25.05 -11.15 20.75
C THR A 196 -26.55 -11.13 20.52
N GLU A 197 -27.00 -10.62 19.37
CA GLU A 197 -28.41 -10.70 18.99
C GLU A 197 -28.93 -12.13 18.93
N ARG A 198 -28.07 -13.14 19.06
CA ARG A 198 -28.52 -14.53 19.10
C ARG A 198 -28.19 -15.25 20.40
N GLY A 199 -27.75 -14.53 21.42
CA GLY A 199 -27.49 -15.15 22.68
C GLY A 199 -26.07 -15.60 22.92
N TYR A 200 -25.22 -15.59 21.88
CA TYR A 200 -23.81 -15.81 22.11
C TYR A 200 -23.21 -14.57 22.75
N THR A 201 -22.25 -14.79 23.65
CA THR A 201 -21.58 -13.69 24.34
C THR A 201 -20.08 -13.91 24.16
N PHE A 202 -19.54 -13.40 23.06
CA PHE A 202 -18.10 -13.35 22.86
C PHE A 202 -17.60 -12.07 23.51
N THR A 203 -16.92 -12.18 24.63
CA THR A 203 -16.51 -11.00 25.39
C THR A 203 -15.02 -10.95 25.70
N THR A 204 -14.43 -12.08 26.12
CA THR A 204 -13.03 -12.11 26.55
C THR A 204 -12.09 -11.86 25.38
N THR A 205 -10.84 -11.53 25.72
CA THR A 205 -9.87 -11.26 24.67
C THR A 205 -9.75 -12.43 23.71
N ALA A 206 -9.79 -13.66 24.24
CA ALA A 206 -9.73 -14.85 23.39
C ALA A 206 -10.97 -15.00 22.52
N GLU A 207 -12.15 -14.74 23.08
CA GLU A 207 -13.38 -14.83 22.30
C GLU A 207 -13.42 -13.80 21.19
N ARG A 208 -12.92 -12.59 21.46
CA ARG A 208 -12.86 -11.56 20.44
C ARG A 208 -11.98 -12.00 19.28
N GLU A 209 -10.88 -12.69 19.58
CA GLU A 209 -10.02 -13.18 18.50
C GLU A 209 -10.71 -14.27 17.69
N ILE A 210 -11.54 -15.09 18.31
CA ILE A 210 -12.35 -16.06 17.57
C ILE A 210 -13.32 -15.33 16.64
N VAL A 211 -13.99 -14.28 17.13
CA VAL A 211 -14.89 -13.54 16.25
C VAL A 211 -14.13 -12.90 15.10
N ARG A 212 -12.93 -12.36 15.36
CA ARG A 212 -12.12 -11.83 14.25
C ARG A 212 -11.88 -12.92 13.21
N ASP A 213 -11.58 -14.15 13.64
CA ASP A 213 -11.36 -15.23 12.70
C ASP A 213 -12.62 -15.58 11.92
N ILE A 214 -13.77 -15.64 12.59
CA ILE A 214 -15.02 -15.88 11.87
C ILE A 214 -15.23 -14.85 10.78
N LYS A 215 -15.06 -13.57 11.12
CA LYS A 215 -15.17 -12.46 10.17
C LYS A 215 -14.28 -12.68 8.95
N GLU A 216 -13.00 -12.91 9.19
CA GLU A 216 -12.07 -13.08 8.07
C GLU A 216 -12.42 -14.30 7.25
N LYS A 217 -12.83 -15.39 7.89
CA LYS A 217 -13.01 -16.66 7.19
C LYS A 217 -14.33 -16.70 6.41
N LEU A 218 -15.40 -16.14 6.96
CA LEU A 218 -16.71 -16.40 6.40
C LEU A 218 -17.43 -15.18 5.81
N CYS A 219 -16.99 -13.95 6.08
CA CYS A 219 -17.76 -12.82 5.59
C CYS A 219 -17.59 -12.66 4.08
N TYR A 220 -18.51 -11.91 3.49
CA TYR A 220 -18.42 -11.56 2.08
C TYR A 220 -19.30 -10.35 1.86
N ILE A 221 -19.01 -9.63 0.79
CA ILE A 221 -19.78 -8.43 0.43
C ILE A 221 -20.96 -8.85 -0.44
N ALA A 222 -22.14 -8.35 -0.12
CA ALA A 222 -23.32 -8.60 -0.94
C ALA A 222 -23.35 -7.63 -2.12
N LEU A 223 -23.41 -8.17 -3.34
CA LEU A 223 -23.57 -7.30 -4.51
C LEU A 223 -24.96 -6.69 -4.55
N ASP A 224 -25.95 -7.42 -4.04
CA ASP A 224 -27.34 -6.97 -3.94
C ASP A 224 -27.80 -7.28 -2.53
N TYR A 225 -27.62 -6.32 -1.61
CA TYR A 225 -27.86 -6.59 -0.19
C TYR A 225 -29.31 -7.01 0.07
N ASP A 226 -30.27 -6.29 -0.51
CA ASP A 226 -31.67 -6.61 -0.26
C ASP A 226 -31.99 -8.04 -0.69
N GLU A 227 -31.42 -8.48 -1.81
CA GLU A 227 -31.71 -9.83 -2.27
C GLU A 227 -30.95 -10.89 -1.48
N GLU A 228 -29.75 -10.58 -0.99
CA GLU A 228 -29.02 -11.52 -0.15
C GLU A 228 -29.72 -11.67 1.21
N LEU A 229 -30.32 -10.58 1.70
CA LEU A 229 -31.07 -10.65 2.95
C LEU A 229 -32.34 -11.48 2.78
N LYS A 230 -33.00 -11.35 1.63
CA LYS A 230 -34.19 -12.16 1.36
C LYS A 230 -33.84 -13.65 1.33
N LYS A 231 -32.72 -13.97 0.68
CA LYS A 231 -32.22 -15.35 0.64
C LYS A 231 -31.91 -15.88 2.04
N SER A 232 -31.30 -15.05 2.89
CA SER A 232 -30.92 -15.54 4.22
C SER A 232 -32.13 -15.84 5.08
N GLU A 233 -33.26 -15.18 4.83
N GLU A 233 -33.27 -15.20 4.81
CA GLU A 233 -34.46 -15.45 5.61
CA GLU A 233 -34.47 -15.45 5.58
C GLU A 233 -35.28 -16.61 5.02
C GLU A 233 -35.30 -16.59 5.02
N GLU A 234 -35.44 -16.65 3.70
CA GLU A 234 -36.33 -17.62 3.06
C GLU A 234 -35.62 -18.84 2.51
N ARG A 235 -34.31 -18.76 2.29
CA ARG A 235 -33.52 -19.86 1.76
C ARG A 235 -32.21 -19.96 2.55
N THR A 236 -32.33 -20.09 3.88
CA THR A 236 -31.16 -19.85 4.73
C THR A 236 -29.98 -20.73 4.33
N GLU A 237 -30.25 -21.92 3.80
CA GLU A 237 -29.19 -22.86 3.44
C GLU A 237 -28.24 -22.29 2.38
N GLU A 238 -28.67 -21.34 1.58
CA GLU A 238 -27.79 -20.80 0.54
C GLU A 238 -26.88 -19.69 1.05
N VAL A 239 -26.99 -19.33 2.33
CA VAL A 239 -26.18 -18.26 2.91
C VAL A 239 -25.34 -18.79 4.06
N GLU A 240 -25.92 -19.75 4.77
CA GLU A 240 -25.43 -20.24 6.03
C GLU A 240 -24.16 -21.07 5.88
N GLU A 241 -23.21 -20.86 6.81
N GLU A 241 -23.19 -20.83 6.77
CA GLU A 241 -21.98 -21.65 6.88
CA GLU A 241 -22.04 -21.70 6.88
C GLU A 241 -21.60 -21.91 8.34
C GLU A 241 -21.81 -21.97 8.36
N MET A 242 -21.30 -23.17 8.65
CA MET A 242 -20.94 -23.54 10.02
C MET A 242 -19.50 -23.10 10.31
N TYR A 243 -19.26 -22.69 11.54
CA TYR A 243 -17.91 -22.36 11.99
C TYR A 243 -17.55 -23.23 13.18
N GLU A 244 -16.35 -23.82 13.12
CA GLU A 244 -15.88 -24.73 14.17
C GLU A 244 -15.11 -23.94 15.23
N LEU A 245 -15.68 -23.85 16.42
CA LEU A 245 -15.05 -23.19 17.54
C LEU A 245 -13.88 -24.01 18.04
N PRO A 246 -12.99 -23.42 18.83
CA PRO A 246 -11.78 -24.14 19.24
C PRO A 246 -12.07 -25.40 20.04
N ASP A 247 -13.25 -25.50 20.67
CA ASP A 247 -13.64 -26.72 21.38
C ASP A 247 -14.36 -27.73 20.50
N GLY A 248 -14.55 -27.42 19.21
CA GLY A 248 -15.14 -28.34 18.27
C GLY A 248 -16.65 -28.22 18.12
N ASN A 249 -17.31 -27.43 18.97
CA ASN A 249 -18.71 -27.15 18.71
C ASN A 249 -18.83 -26.26 17.50
N LEU A 250 -19.94 -26.38 16.81
CA LEU A 250 -20.22 -25.61 15.61
C LEU A 250 -21.22 -24.51 15.93
N ILE A 251 -21.01 -23.33 15.35
CA ILE A 251 -22.01 -22.28 15.34
C ILE A 251 -22.39 -21.97 13.90
N THR A 252 -23.65 -21.63 13.73
CA THR A 252 -24.20 -21.25 12.45
C THR A 252 -23.96 -19.76 12.22
N VAL A 253 -23.44 -19.43 11.05
CA VAL A 253 -23.18 -18.05 10.64
C VAL A 253 -23.99 -17.79 9.37
N GLY A 254 -25.01 -16.97 9.49
CA GLY A 254 -25.89 -16.71 8.37
C GLY A 254 -25.73 -15.31 7.79
N SER A 255 -26.76 -14.48 7.97
CA SER A 255 -26.74 -13.13 7.40
C SER A 255 -25.58 -12.30 7.93
N GLU A 256 -25.03 -12.65 9.09
CA GLU A 256 -23.86 -11.97 9.61
C GLU A 256 -22.73 -11.94 8.58
N ARG A 257 -22.66 -12.95 7.71
CA ARG A 257 -21.55 -13.04 6.78
C ARG A 257 -21.46 -11.79 5.91
N PHE A 258 -22.61 -11.28 5.47
CA PHE A 258 -22.61 -10.10 4.62
C PHE A 258 -23.11 -8.85 5.33
N ARG A 259 -23.84 -8.97 6.43
CA ARG A 259 -24.27 -7.78 7.16
C ARG A 259 -23.10 -7.09 7.82
N CYS A 260 -22.11 -7.88 8.27
CA CYS A 260 -20.98 -7.29 8.99
C CYS A 260 -20.19 -6.34 8.09
N PRO A 261 -19.66 -6.76 6.94
CA PRO A 261 -18.89 -5.82 6.12
C PRO A 261 -19.73 -4.80 5.38
N GLU A 262 -21.05 -4.99 5.30
CA GLU A 262 -21.90 -3.96 4.74
C GLU A 262 -21.70 -2.63 5.46
N ALA A 263 -21.30 -2.68 6.74
CA ALA A 263 -21.04 -1.45 7.48
C ALA A 263 -19.97 -0.58 6.81
N LEU A 264 -19.03 -1.16 6.05
CA LEU A 264 -18.06 -0.37 5.32
C LEU A 264 -18.71 0.55 4.30
N PHE A 265 -19.83 0.12 3.72
CA PHE A 265 -20.56 0.91 2.74
C PHE A 265 -21.68 1.73 3.34
N ASN A 266 -22.13 1.38 4.54
CA ASN A 266 -23.23 2.09 5.20
C ASN A 266 -22.90 2.17 6.69
N PRO A 267 -22.09 3.15 7.10
CA PRO A 267 -21.55 3.11 8.47
C PRO A 267 -22.56 3.45 9.52
N SER A 268 -23.76 3.87 9.16
CA SER A 268 -24.76 4.05 10.20
C SER A 268 -25.09 2.72 10.85
N LEU A 269 -24.81 1.60 10.17
CA LEU A 269 -25.02 0.29 10.78
C LEU A 269 -24.26 0.12 12.08
N ILE A 270 -23.12 0.80 12.24
CA ILE A 270 -22.34 0.72 13.49
C ILE A 270 -22.35 2.06 14.22
N GLY A 271 -23.42 2.84 14.05
CA GLY A 271 -23.55 4.11 14.72
C GLY A 271 -22.57 5.20 14.29
N ARG A 272 -21.93 5.07 13.13
CA ARG A 272 -21.01 6.10 12.69
C ARG A 272 -21.67 7.04 11.71
N GLU A 273 -21.20 8.27 11.70
CA GLU A 273 -21.70 9.30 10.79
C GLU A 273 -20.82 9.49 9.57
N CYS A 274 -19.69 8.81 9.48
CA CYS A 274 -18.86 8.96 8.30
C CYS A 274 -19.52 8.26 7.11
N PRO A 275 -19.23 8.72 5.89
CA PRO A 275 -19.77 8.05 4.70
C PRO A 275 -19.13 6.69 4.44
N GLY A 276 -19.82 5.93 3.60
CA GLY A 276 -19.28 4.65 3.16
C GLY A 276 -18.03 4.81 2.32
N LEU A 277 -17.31 3.69 2.18
CA LEU A 277 -16.06 3.65 1.42
C LEU A 277 -16.17 4.33 0.07
N HIS A 278 -17.26 4.07 -0.66
CA HIS A 278 -17.40 4.57 -2.03
C HIS A 278 -17.64 6.07 -2.04
N ILE A 279 -18.44 6.55 -1.09
CA ILE A 279 -18.72 7.98 -1.00
C ILE A 279 -17.45 8.75 -0.71
N THR A 280 -16.67 8.26 0.24
CA THR A 280 -15.42 8.93 0.57
C THR A 280 -14.43 8.90 -0.59
N ALA A 281 -14.35 7.79 -1.31
CA ALA A 281 -13.55 7.72 -2.53
C ALA A 281 -13.99 8.78 -3.52
N TYR A 282 -15.31 8.89 -3.74
CA TYR A 282 -15.85 9.86 -4.68
C TYR A 282 -15.51 11.30 -4.27
N GLN A 283 -15.71 11.62 -2.98
CA GLN A 283 -15.43 12.97 -2.49
C GLN A 283 -13.96 13.32 -2.61
N SER A 284 -13.07 12.35 -2.38
CA SER A 284 -11.65 12.59 -2.58
C SER A 284 -11.34 12.89 -4.04
N ILE A 285 -11.91 12.08 -4.96
CA ILE A 285 -11.70 12.33 -6.39
C ILE A 285 -12.20 13.73 -6.75
N MET A 286 -13.34 14.13 -6.18
CA MET A 286 -13.92 15.42 -6.49
C MET A 286 -13.09 16.59 -5.96
N LYS A 287 -12.22 16.35 -4.98
CA LYS A 287 -11.28 17.38 -4.54
C LYS A 287 -10.06 17.52 -5.45
N CYS A 288 -9.91 16.66 -6.45
CA CYS A 288 -8.78 16.70 -7.35
C CYS A 288 -9.14 17.48 -8.61
N ASP A 289 -8.10 17.97 -9.29
CA ASP A 289 -8.29 18.66 -10.56
C ASP A 289 -9.13 17.80 -11.51
N ILE A 290 -10.19 18.40 -12.05
CA ILE A 290 -11.08 17.66 -12.94
C ILE A 290 -10.30 16.91 -14.02
N ASP A 291 -9.16 17.45 -14.46
CA ASP A 291 -8.46 16.83 -15.58
C ASP A 291 -7.62 15.62 -15.19
N ILE A 292 -7.50 15.26 -13.91
CA ILE A 292 -6.90 13.97 -13.57
C ILE A 292 -7.93 12.97 -13.04
N ARG A 293 -9.19 13.38 -12.90
CA ARG A 293 -10.16 12.51 -12.25
C ARG A 293 -10.35 11.24 -13.06
N LYS A 294 -10.31 11.35 -14.40
CA LYS A 294 -10.47 10.17 -15.25
C LYS A 294 -9.41 9.11 -14.93
N GLU A 295 -8.18 9.56 -14.67
N GLU A 295 -8.16 9.53 -14.66
CA GLU A 295 -7.11 8.64 -14.32
CA GLU A 295 -7.16 8.52 -14.36
C GLU A 295 -7.37 7.99 -12.97
C GLU A 295 -7.28 7.99 -12.94
N LEU A 296 -7.83 8.79 -12.01
CA LEU A 296 -8.11 8.24 -10.68
C LEU A 296 -9.20 7.18 -10.75
N TYR A 297 -10.26 7.46 -11.53
CA TYR A 297 -11.37 6.51 -11.66
C TYR A 297 -10.92 5.19 -12.27
N ASN A 298 -9.93 5.23 -13.15
CA ASN A 298 -9.46 4.03 -13.82
C ASN A 298 -8.34 3.32 -13.04
N ASN A 299 -8.04 3.79 -11.83
CA ASN A 299 -6.91 3.29 -11.05
C ASN A 299 -7.24 3.36 -9.56
N ILE A 300 -8.38 2.76 -9.18
CA ILE A 300 -8.78 2.64 -7.77
C ILE A 300 -8.12 1.37 -7.25
N VAL A 301 -7.17 1.53 -6.34
CA VAL A 301 -6.35 0.42 -5.83
C VAL A 301 -6.73 0.17 -4.37
N LEU A 302 -7.19 -1.05 -4.10
CA LEU A 302 -7.50 -1.51 -2.76
C LEU A 302 -6.28 -2.06 -2.05
N SER A 303 -6.07 -1.64 -0.81
N SER A 303 -6.16 -1.73 -0.77
CA SER A 303 -5.01 -2.22 0.02
CA SER A 303 -5.03 -2.11 0.06
C SER A 303 -5.54 -2.43 1.43
C SER A 303 -5.51 -2.36 1.48
N GLY A 304 -4.86 -3.29 2.17
CA GLY A 304 -5.16 -3.53 3.57
C GLY A 304 -6.08 -4.70 3.79
N GLY A 305 -6.01 -5.26 5.00
CA GLY A 305 -6.77 -6.46 5.33
C GLY A 305 -8.28 -6.30 5.21
N THR A 306 -8.81 -5.13 5.56
CA THR A 306 -10.26 -4.94 5.51
C THR A 306 -10.78 -4.73 4.09
N THR A 307 -9.92 -4.73 3.07
CA THR A 307 -10.39 -4.81 1.70
C THR A 307 -10.41 -6.24 1.15
N MET A 308 -10.19 -7.24 2.01
CA MET A 308 -10.08 -8.60 1.55
C MET A 308 -11.42 -9.34 1.39
N TYR A 309 -12.53 -8.72 1.76
CA TYR A 309 -13.82 -9.40 1.62
C TYR A 309 -14.10 -9.79 0.18
N ASN A 310 -14.58 -11.03 -0.01
CA ASN A 310 -14.99 -11.49 -1.33
C ASN A 310 -16.02 -10.54 -1.90
N TYR A 311 -15.89 -10.25 -3.19
CA TYR A 311 -16.79 -9.44 -4.01
C TYR A 311 -16.67 -7.94 -3.75
N ILE A 312 -15.72 -7.49 -2.91
CA ILE A 312 -15.67 -6.08 -2.59
C ILE A 312 -15.29 -5.26 -3.83
N GLY A 313 -14.42 -5.81 -4.69
CA GLY A 313 -14.03 -5.07 -5.89
C GLY A 313 -15.20 -4.83 -6.83
N GLU A 314 -15.99 -5.87 -7.07
CA GLU A 314 -17.16 -5.73 -7.93
C GLU A 314 -18.17 -4.77 -7.31
N ARG A 315 -18.38 -4.87 -5.98
CA ARG A 315 -19.33 -3.97 -5.34
C ARG A 315 -18.89 -2.53 -5.49
N LEU A 316 -17.61 -2.27 -5.22
N LEU A 316 -17.62 -2.25 -5.18
CA LEU A 316 -17.08 -0.93 -5.33
CA LEU A 316 -17.10 -0.90 -5.34
C LEU A 316 -17.11 -0.43 -6.76
C LEU A 316 -17.19 -0.45 -6.79
N THR A 317 -16.86 -1.33 -7.74
CA THR A 317 -16.98 -0.96 -9.15
C THR A 317 -18.39 -0.48 -9.45
N ASN A 318 -19.39 -1.21 -8.97
CA ASN A 318 -20.78 -0.83 -9.23
C ASN A 318 -21.13 0.49 -8.57
N GLU A 319 -20.72 0.67 -7.32
CA GLU A 319 -21.01 1.92 -6.62
C GLU A 319 -20.34 3.12 -7.29
N MET A 320 -19.04 2.98 -7.61
CA MET A 320 -18.30 4.10 -8.20
C MET A 320 -18.85 4.46 -9.57
N THR A 321 -19.20 3.46 -10.39
CA THR A 321 -19.84 3.70 -11.68
C THR A 321 -21.13 4.48 -11.50
N SER A 322 -21.95 4.12 -10.50
CA SER A 322 -23.21 4.83 -10.29
C SER A 322 -23.01 6.26 -9.80
N LEU A 323 -21.89 6.55 -9.13
CA LEU A 323 -21.63 7.91 -8.67
C LEU A 323 -21.00 8.78 -9.75
N ALA A 324 -20.21 8.18 -10.64
CA ALA A 324 -19.40 8.88 -11.61
C ALA A 324 -20.26 9.42 -12.75
N PRO A 325 -19.71 10.28 -13.59
CA PRO A 325 -20.47 10.81 -14.70
C PRO A 325 -20.72 9.76 -15.75
N PRO A 326 -21.70 10.02 -16.60
CA PRO A 326 -21.99 9.11 -17.71
C PRO A 326 -20.71 8.76 -18.44
N SER A 327 -20.54 7.47 -18.69
CA SER A 327 -19.48 6.90 -19.51
C SER A 327 -18.10 7.00 -18.90
N MET A 328 -17.96 7.41 -17.64
CA MET A 328 -16.65 7.35 -17.00
C MET A 328 -16.18 5.90 -16.92
N LYS A 329 -14.92 5.67 -17.28
CA LYS A 329 -14.32 4.34 -17.17
C LYS A 329 -13.84 4.14 -15.74
N ILE A 330 -14.31 3.08 -15.12
CA ILE A 330 -14.02 2.74 -13.73
C ILE A 330 -13.21 1.47 -13.71
N LYS A 331 -12.16 1.43 -12.91
CA LYS A 331 -11.46 0.18 -12.69
C LYS A 331 -11.01 0.11 -11.24
N VAL A 332 -11.41 -0.96 -10.55
CA VAL A 332 -10.97 -1.26 -9.20
C VAL A 332 -9.97 -2.41 -9.26
N ILE A 333 -8.78 -2.17 -8.73
CA ILE A 333 -7.71 -3.15 -8.75
C ILE A 333 -7.62 -3.73 -7.34
N ALA A 334 -7.74 -5.05 -7.21
CA ALA A 334 -7.80 -5.74 -5.92
C ALA A 334 -6.72 -6.80 -5.93
N PRO A 335 -5.50 -6.43 -5.66
CA PRO A 335 -4.45 -7.38 -5.80
C PRO A 335 -4.53 -8.49 -4.76
N PRO A 336 -4.21 -9.71 -5.14
CA PRO A 336 -4.46 -10.84 -4.22
C PRO A 336 -3.65 -10.78 -2.92
N GLU A 337 -2.45 -10.21 -2.92
CA GLU A 337 -1.64 -10.07 -1.71
C GLU A 337 -1.79 -8.71 -1.03
N ARG A 338 -2.91 -8.02 -1.23
CA ARG A 338 -3.04 -6.64 -0.77
C ARG A 338 -3.07 -6.46 0.76
N LYS A 339 -3.26 -7.51 1.56
CA LYS A 339 -3.01 -7.39 2.99
C LYS A 339 -1.57 -6.96 3.29
N TYR A 340 -0.66 -7.17 2.34
CA TYR A 340 0.77 -6.92 2.52
C TYR A 340 1.35 -5.97 1.47
N SER A 341 0.48 -5.25 0.76
CA SER A 341 0.94 -4.43 -0.36
C SER A 341 1.86 -3.30 0.09
N VAL A 342 1.55 -2.68 1.23
CA VAL A 342 2.44 -1.65 1.78
C VAL A 342 3.83 -2.23 1.92
N TRP A 343 3.92 -3.35 2.64
CA TRP A 343 5.22 -3.94 2.93
C TRP A 343 5.94 -4.31 1.63
N ILE A 344 5.22 -4.94 0.69
CA ILE A 344 5.83 -5.37 -0.56
C ILE A 344 6.38 -4.16 -1.34
N GLY A 345 5.61 -3.07 -1.38
CA GLY A 345 6.14 -1.86 -2.00
C GLY A 345 7.43 -1.40 -1.34
N GLY A 346 7.49 -1.47 -0.02
CA GLY A 346 8.71 -1.04 0.67
C GLY A 346 9.88 -1.96 0.37
N SER A 347 9.61 -3.26 0.27
CA SER A 347 10.67 -4.22 -0.07
C SER A 347 11.25 -3.94 -1.44
N ILE A 348 10.38 -3.60 -2.42
CA ILE A 348 10.86 -3.21 -3.75
C ILE A 348 11.66 -1.92 -3.67
N LEU A 349 11.06 -0.88 -3.10
CA LEU A 349 11.71 0.42 -3.06
C LEU A 349 13.10 0.33 -2.45
N SER A 350 13.21 -0.32 -1.30
CA SER A 350 14.47 -0.32 -0.57
C SER A 350 15.49 -1.27 -1.20
N SER A 351 15.09 -2.08 -2.18
CA SER A 351 16.00 -2.92 -2.94
C SER A 351 16.62 -2.22 -4.15
N LEU A 352 16.06 -1.10 -4.59
CA LEU A 352 16.50 -0.51 -5.85
C LEU A 352 17.92 0.06 -5.75
N SER A 353 18.66 -0.06 -6.85
CA SER A 353 20.02 0.50 -6.92
C SER A 353 20.03 2.00 -6.60
N THR A 354 19.02 2.73 -7.06
CA THR A 354 18.92 4.16 -6.85
C THR A 354 18.52 4.55 -5.42
N PHE A 355 18.08 3.59 -4.60
CA PHE A 355 17.73 3.89 -3.22
C PHE A 355 18.94 3.95 -2.31
N GLN A 356 20.11 3.53 -2.80
CA GLN A 356 21.29 3.35 -1.97
C GLN A 356 21.72 4.63 -1.26
N LYS A 357 21.53 5.78 -1.89
CA LYS A 357 21.89 7.05 -1.27
C LYS A 357 20.68 7.89 -0.90
N MET A 358 19.47 7.31 -0.98
N MET A 358 19.48 7.32 -0.93
CA MET A 358 18.27 7.98 -0.49
CA MET A 358 18.31 8.02 -0.46
C MET A 358 18.15 7.89 1.03
C MET A 358 18.07 7.84 1.03
N TRP A 359 18.69 6.84 1.64
CA TRP A 359 18.64 6.69 3.09
C TRP A 359 19.17 7.94 3.78
N ILE A 360 18.55 8.30 4.90
CA ILE A 360 19.15 9.25 5.84
C ILE A 360 20.22 8.50 6.64
N THR A 361 21.46 8.96 6.58
CA THR A 361 22.47 8.33 7.43
C THR A 361 22.49 8.94 8.83
N LYS A 362 23.06 8.19 9.77
CA LYS A 362 23.30 8.73 11.11
C LYS A 362 24.08 10.03 11.05
N GLU A 363 25.06 10.10 10.15
CA GLU A 363 25.92 11.28 10.09
C GLU A 363 25.18 12.49 9.53
N GLU A 364 24.29 12.28 8.54
CA GLU A 364 23.41 13.36 8.08
C GLU A 364 22.50 13.84 9.20
N TYR A 365 21.94 12.91 9.98
CA TYR A 365 21.09 13.29 11.11
C TYR A 365 21.87 14.12 12.14
N ASP A 366 23.10 13.70 12.45
CA ASP A 366 23.92 14.51 13.36
C ASP A 366 24.26 15.87 12.75
N GLU A 367 24.37 15.94 11.42
CA GLU A 367 24.77 17.16 10.73
C GLU A 367 23.63 18.17 10.64
N SER A 368 22.43 17.71 10.29
CA SER A 368 21.30 18.58 10.01
C SER A 368 20.22 18.55 11.09
N GLY A 369 20.17 17.53 11.95
CA GLY A 369 19.14 17.40 12.95
C GLY A 369 17.93 16.61 12.45
N PRO A 370 16.90 16.44 13.29
CA PRO A 370 15.74 15.61 12.88
C PRO A 370 14.97 16.22 11.73
N SER A 371 15.08 17.54 11.54
CA SER A 371 14.55 18.22 10.36
C SER A 371 14.91 17.52 9.05
N ILE A 372 16.01 16.76 9.04
CA ILE A 372 16.43 16.04 7.84
C ILE A 372 15.32 15.14 7.29
N VAL A 373 14.43 14.64 8.14
CA VAL A 373 13.46 13.68 7.62
C VAL A 373 12.52 14.34 6.60
N HIS A 374 12.24 15.63 6.76
CA HIS A 374 11.33 16.34 5.85
C HIS A 374 11.98 16.63 4.50
N ARG A 375 13.30 16.87 4.51
CA ARG A 375 14.02 17.16 3.27
C ARG A 375 14.45 15.91 2.52
N LYS A 376 14.64 14.76 3.21
CA LYS A 376 15.02 13.53 2.51
C LYS A 376 13.86 12.57 2.23
N CYS A 377 12.74 12.66 2.97
CA CYS A 377 11.67 11.67 2.89
C CYS A 377 10.34 12.35 2.55
N PHE A 378 9.95 12.22 1.28
CA PHE A 378 8.68 12.74 0.78
C PHE A 378 8.41 12.07 -0.55
N GLY B 1 12.71 10.82 -2.43
CA GLY B 1 11.96 12.00 -2.84
C GLY B 1 12.85 12.98 -3.57
N PRO B 2 14.02 13.26 -3.01
CA PRO B 2 14.99 14.11 -3.72
C PRO B 2 15.44 13.41 -4.98
N MET B 3 16.16 14.14 -5.82
CA MET B 3 16.58 13.54 -7.06
C MET B 3 17.82 12.67 -6.83
N VAL B 4 17.87 11.55 -7.58
CA VAL B 4 19.03 10.70 -7.65
C VAL B 4 20.23 11.52 -8.10
N VAL B 5 21.40 11.23 -7.53
CA VAL B 5 22.59 12.03 -7.80
C VAL B 5 23.59 11.30 -8.70
N GLU B 6 23.86 10.03 -8.43
CA GLU B 6 25.08 9.41 -8.97
C GLU B 6 24.83 8.31 -9.99
N HIS B 7 23.64 7.75 -10.06
CA HIS B 7 23.45 6.58 -10.89
C HIS B 7 23.80 6.92 -12.34
N PRO B 8 24.72 6.17 -12.98
CA PRO B 8 25.22 6.60 -14.30
C PRO B 8 24.15 6.78 -15.35
N GLU B 9 23.05 6.04 -15.29
CA GLU B 9 22.02 6.22 -16.30
C GLU B 9 21.18 7.48 -16.09
N PHE B 10 20.97 7.87 -14.84
CA PHE B 10 20.31 9.14 -14.59
C PHE B 10 21.17 10.30 -15.10
N LEU B 11 22.50 10.23 -14.92
CA LEU B 11 23.36 11.28 -15.47
C LEU B 11 23.18 11.41 -16.98
N LYS B 12 22.83 10.32 -17.66
CA LYS B 12 22.66 10.32 -19.10
C LYS B 12 21.29 10.81 -19.54
N ALA B 13 20.31 10.83 -18.63
CA ALA B 13 18.90 10.94 -19.01
C ALA B 13 18.55 12.37 -19.40
N GLY B 14 17.89 12.52 -20.55
CA GLY B 14 17.24 13.77 -20.89
C GLY B 14 18.16 14.93 -21.17
N LYS B 15 19.40 14.65 -21.57
CA LYS B 15 20.37 15.72 -21.84
C LYS B 15 20.16 16.33 -23.21
N GLU B 16 19.63 15.59 -24.17
CA GLU B 16 19.42 16.12 -25.50
C GLU B 16 18.25 15.40 -26.13
N PRO B 17 17.70 15.93 -27.22
CA PRO B 17 16.57 15.25 -27.86
C PRO B 17 16.95 13.83 -28.23
N GLY B 18 15.98 12.95 -28.17
CA GLY B 18 16.23 11.55 -28.46
C GLY B 18 15.25 10.63 -27.74
N LEU B 19 15.57 9.34 -27.83
CA LEU B 19 14.76 8.27 -27.27
C LEU B 19 15.70 7.37 -26.49
N GLN B 20 15.43 7.22 -25.20
CA GLN B 20 16.27 6.45 -24.28
C GLN B 20 15.40 5.36 -23.65
N ILE B 21 15.88 4.12 -23.69
CA ILE B 21 15.11 2.98 -23.23
C ILE B 21 15.97 2.16 -22.29
N TRP B 22 15.41 1.84 -21.12
CA TRP B 22 16.01 1.01 -20.10
C TRP B 22 15.09 -0.17 -19.78
N ARG B 23 15.68 -1.25 -19.30
CA ARG B 23 14.95 -2.40 -18.80
C ARG B 23 15.24 -2.57 -17.31
N VAL B 24 14.20 -2.92 -16.54
CA VAL B 24 14.43 -3.29 -15.15
C VAL B 24 15.10 -4.65 -15.11
N GLU B 25 16.22 -4.73 -14.41
CA GLU B 25 16.97 -5.99 -14.25
C GLU B 25 17.43 -6.09 -12.81
N LYS B 26 16.82 -7.00 -12.06
CA LYS B 26 17.17 -7.29 -10.67
C LYS B 26 17.34 -5.99 -9.87
N PHE B 27 16.29 -5.18 -9.88
CA PHE B 27 16.21 -3.95 -9.09
C PHE B 27 17.12 -2.82 -9.61
N ASP B 28 17.60 -2.88 -10.85
CA ASP B 28 18.45 -1.82 -11.40
C ASP B 28 17.86 -1.38 -12.73
N LEU B 29 18.27 -0.20 -13.18
CA LEU B 29 17.82 0.37 -14.45
C LEU B 29 18.97 0.21 -15.45
N VAL B 30 18.78 -0.66 -16.44
CA VAL B 30 19.86 -1.10 -17.31
C VAL B 30 19.51 -0.67 -18.73
N PRO B 31 20.42 0.00 -19.45
CA PRO B 31 20.10 0.44 -20.82
C PRO B 31 19.83 -0.73 -21.76
N VAL B 32 18.87 -0.52 -22.65
CA VAL B 32 18.58 -1.51 -23.69
C VAL B 32 19.54 -1.29 -24.85
N PRO B 33 20.18 -2.33 -25.38
CA PRO B 33 21.04 -2.15 -26.56
C PRO B 33 20.29 -1.49 -27.69
N PRO B 34 20.94 -0.57 -28.42
CA PRO B 34 20.27 0.09 -29.54
C PRO B 34 19.58 -0.83 -30.52
N ASN B 35 20.22 -1.95 -30.90
CA ASN B 35 19.64 -2.86 -31.88
C ASN B 35 18.38 -3.53 -31.38
N LEU B 36 18.09 -3.47 -30.08
CA LEU B 36 16.87 -4.05 -29.55
C LEU B 36 15.79 -3.02 -29.31
N TYR B 37 15.99 -1.76 -29.70
CA TYR B 37 14.98 -0.75 -29.44
C TYR B 37 13.69 -1.17 -30.14
N GLY B 38 12.60 -1.20 -29.37
CA GLY B 38 11.29 -1.52 -29.89
C GLY B 38 10.88 -2.97 -29.80
N ASP B 39 11.78 -3.86 -29.40
CA ASP B 39 11.50 -5.28 -29.21
C ASP B 39 11.40 -5.56 -27.71
N PHE B 40 10.20 -5.76 -27.19
CA PHE B 40 10.01 -5.82 -25.76
C PHE B 40 9.80 -7.25 -25.28
N PHE B 41 10.56 -7.65 -24.25
CA PHE B 41 10.33 -8.96 -23.64
C PHE B 41 9.05 -8.91 -22.81
N THR B 42 8.10 -9.79 -23.09
CA THR B 42 6.85 -9.74 -22.35
C THR B 42 6.99 -10.26 -20.91
N GLY B 43 8.12 -10.87 -20.58
CA GLY B 43 8.45 -11.20 -19.21
C GLY B 43 9.05 -10.07 -18.40
N ASP B 44 9.19 -8.88 -18.97
CA ASP B 44 9.92 -7.80 -18.31
C ASP B 44 9.16 -6.48 -18.28
N ALA B 45 9.77 -5.52 -17.59
CA ALA B 45 9.26 -4.17 -17.50
C ALA B 45 10.38 -3.21 -17.90
N TYR B 46 9.97 -2.09 -18.49
CA TYR B 46 10.87 -1.14 -19.12
C TYR B 46 10.46 0.30 -18.77
N VAL B 47 11.43 1.19 -18.89
CA VAL B 47 11.24 2.62 -18.76
C VAL B 47 11.77 3.31 -20.01
N ILE B 48 10.98 4.22 -20.57
CA ILE B 48 11.28 4.92 -21.82
C ILE B 48 11.22 6.43 -21.58
N LEU B 49 12.27 7.14 -21.99
CA LEU B 49 12.23 8.60 -21.97
C LEU B 49 12.34 9.14 -23.39
N LYS B 50 11.29 9.86 -23.83
CA LYS B 50 11.31 10.65 -25.06
C LYS B 50 11.61 12.10 -24.69
N THR B 51 12.73 12.63 -25.18
CA THR B 51 13.09 14.03 -25.04
C THR B 51 12.90 14.71 -26.38
N VAL B 52 12.08 15.74 -26.38
CA VAL B 52 11.86 16.56 -27.57
C VAL B 52 12.49 17.92 -27.29
N GLN B 53 13.33 18.38 -28.21
CA GLN B 53 13.99 19.66 -28.06
C GLN B 53 13.26 20.61 -28.99
N LEU B 54 12.38 21.42 -28.42
CA LEU B 54 11.82 22.53 -29.17
C LEU B 54 12.95 23.36 -29.76
N ALA B 55 12.67 24.02 -30.91
CA ALA B 55 13.71 24.80 -31.60
C ALA B 55 14.14 26.05 -30.80
N ASN B 56 13.64 26.25 -29.58
CA ASN B 56 14.06 27.35 -28.71
C ASN B 56 14.88 26.87 -27.53
N GLY B 57 15.53 25.71 -27.65
CA GLY B 57 16.38 25.18 -26.61
C GLY B 57 15.67 24.46 -25.48
N ASN B 58 14.35 24.56 -25.42
CA ASN B 58 13.61 23.96 -24.31
C ASN B 58 13.39 22.48 -24.55
N LEU B 59 13.48 21.70 -23.48
CA LEU B 59 13.33 20.25 -23.56
C LEU B 59 11.99 19.85 -22.97
N GLN B 60 11.27 19.02 -23.72
CA GLN B 60 9.99 18.44 -23.33
C GLN B 60 10.25 16.97 -23.08
N TYR B 61 9.68 16.44 -22.00
CA TYR B 61 9.98 15.09 -21.56
C TYR B 61 8.70 14.28 -21.42
N ASP B 62 8.69 13.09 -22.00
CA ASP B 62 7.63 12.13 -21.73
C ASP B 62 8.26 10.84 -21.26
N LEU B 63 7.85 10.39 -20.07
CA LEU B 63 8.30 9.14 -19.49
C LEU B 63 7.19 8.10 -19.59
N HIS B 64 7.53 6.94 -20.14
CA HIS B 64 6.59 5.85 -20.33
C HIS B 64 7.19 4.62 -19.65
N TYR B 65 6.43 3.93 -18.84
CA TYR B 65 6.90 2.65 -18.32
C TYR B 65 6.00 1.57 -18.90
N TRP B 66 6.63 0.51 -19.40
CA TRP B 66 5.94 -0.54 -20.15
C TRP B 66 6.03 -1.83 -19.37
N LEU B 67 4.89 -2.45 -19.15
CA LEU B 67 4.76 -3.67 -18.36
C LEU B 67 4.36 -4.85 -19.25
N GLY B 68 5.25 -5.82 -19.37
CA GLY B 68 4.92 -7.04 -20.09
C GLY B 68 3.98 -7.91 -19.28
N ASN B 69 3.13 -8.66 -19.98
CA ASN B 69 2.11 -9.45 -19.30
C ASN B 69 2.68 -10.53 -18.38
N GLU B 70 3.93 -10.96 -18.57
CA GLU B 70 4.52 -11.94 -17.67
C GLU B 70 5.57 -11.36 -16.72
N CYS B 71 5.68 -10.03 -16.59
CA CYS B 71 6.74 -9.49 -15.73
C CYS B 71 6.38 -9.70 -14.26
N SER B 72 7.41 -9.80 -13.44
CA SER B 72 7.14 -10.07 -12.04
C SER B 72 6.86 -8.76 -11.31
N GLN B 73 6.34 -8.90 -10.10
CA GLN B 73 5.90 -7.73 -9.35
C GLN B 73 7.06 -6.81 -8.96
N ASP B 74 8.22 -7.37 -8.62
CA ASP B 74 9.39 -6.51 -8.39
C ASP B 74 9.70 -5.66 -9.62
N GLU B 75 9.48 -6.20 -10.83
CA GLU B 75 9.86 -5.49 -12.05
C GLU B 75 8.89 -4.36 -12.35
N SER B 76 7.59 -4.65 -12.28
CA SER B 76 6.58 -3.61 -12.52
C SER B 76 6.63 -2.54 -11.43
N GLY B 77 6.77 -2.96 -10.17
CA GLY B 77 6.93 -1.99 -9.10
C GLY B 77 8.16 -1.12 -9.32
N ALA B 78 9.29 -1.73 -9.70
CA ALA B 78 10.51 -0.94 -9.88
C ALA B 78 10.36 0.01 -11.08
N ALA B 79 9.68 -0.43 -12.14
CA ALA B 79 9.47 0.43 -13.30
C ALA B 79 8.71 1.70 -12.92
N ALA B 80 7.66 1.56 -12.09
CA ALA B 80 6.92 2.73 -11.64
C ALA B 80 7.79 3.62 -10.77
N ILE B 81 8.52 3.03 -9.83
CA ILE B 81 9.36 3.84 -8.94
C ILE B 81 10.42 4.58 -9.74
N PHE B 82 11.09 3.87 -10.66
CA PHE B 82 12.13 4.51 -11.45
C PHE B 82 11.56 5.66 -12.27
N THR B 83 10.30 5.53 -12.72
CA THR B 83 9.66 6.58 -13.51
C THR B 83 9.51 7.84 -12.67
N VAL B 84 8.98 7.71 -11.46
CA VAL B 84 8.90 8.86 -10.56
C VAL B 84 10.29 9.45 -10.31
N GLN B 85 11.29 8.61 -10.06
CA GLN B 85 12.63 9.10 -9.77
C GLN B 85 13.22 9.87 -10.95
N LEU B 86 13.01 9.38 -12.18
CA LEU B 86 13.47 10.13 -13.34
C LEU B 86 12.73 11.46 -13.46
N ASP B 87 11.43 11.48 -13.20
CA ASP B 87 10.69 12.73 -13.22
C ASP B 87 11.28 13.72 -12.19
N ASP B 88 11.53 13.23 -10.97
CA ASP B 88 12.15 14.04 -9.93
C ASP B 88 13.46 14.62 -10.44
N TYR B 89 14.26 13.76 -11.05
CA TYR B 89 15.56 14.14 -11.57
C TYR B 89 15.45 15.21 -12.64
N LEU B 90 14.39 15.17 -13.43
CA LEU B 90 14.09 16.20 -14.41
C LEU B 90 13.21 17.29 -13.81
N ASN B 91 13.26 17.46 -12.49
CA ASN B 91 12.59 18.59 -11.82
C ASN B 91 11.08 18.57 -11.99
N GLY B 92 10.50 17.38 -12.11
CA GLY B 92 9.06 17.22 -12.19
C GLY B 92 8.44 17.56 -13.53
N ARG B 93 9.25 17.87 -14.53
CA ARG B 93 8.73 18.35 -15.81
C ARG B 93 8.33 17.26 -16.80
N ALA B 94 8.56 15.99 -16.48
CA ALA B 94 8.14 14.92 -17.37
C ALA B 94 6.67 14.56 -17.19
N VAL B 95 6.01 14.26 -18.28
CA VAL B 95 4.68 13.67 -18.24
C VAL B 95 4.84 12.16 -18.21
N GLN B 96 4.23 11.51 -17.22
CA GLN B 96 4.32 10.07 -17.04
C GLN B 96 3.16 9.36 -17.73
N HIS B 97 3.46 8.17 -18.24
CA HIS B 97 2.52 7.33 -18.97
C HIS B 97 2.71 5.88 -18.55
N ARG B 98 1.63 5.22 -18.16
CA ARG B 98 1.64 3.77 -17.90
C ARG B 98 1.26 3.04 -19.18
N GLU B 99 2.11 2.12 -19.63
CA GLU B 99 1.93 1.43 -20.91
C GLU B 99 1.88 -0.06 -20.61
N VAL B 100 0.74 -0.68 -20.83
CA VAL B 100 0.56 -2.10 -20.63
C VAL B 100 0.59 -2.79 -21.99
N GLN B 101 1.23 -3.95 -22.05
CA GLN B 101 1.27 -4.78 -23.24
C GLN B 101 -0.09 -4.87 -23.92
N GLY B 102 -0.12 -4.50 -25.19
CA GLY B 102 -1.33 -4.60 -25.99
C GLY B 102 -2.32 -3.49 -25.79
N PHE B 103 -2.04 -2.55 -24.89
CA PHE B 103 -2.92 -1.43 -24.61
C PHE B 103 -2.15 -0.12 -24.63
N GLU B 104 -1.04 -0.09 -25.36
CA GLU B 104 -0.15 1.07 -25.35
C GLU B 104 -0.81 2.25 -26.06
N SER B 105 -0.45 3.44 -25.62
CA SER B 105 -0.92 4.67 -26.26
C SER B 105 -0.37 4.78 -27.67
N SER B 106 -1.11 5.47 -28.54
N SER B 106 -1.14 5.45 -28.54
CA SER B 106 -0.61 5.68 -29.90
CA SER B 106 -0.67 5.76 -29.88
C SER B 106 0.62 6.59 -29.90
C SER B 106 0.66 6.50 -29.82
N THR B 107 0.76 7.45 -28.89
CA THR B 107 1.98 8.24 -28.78
C THR B 107 3.19 7.33 -28.56
N PHE B 108 3.07 6.39 -27.63
CA PHE B 108 4.16 5.47 -27.36
C PHE B 108 4.49 4.63 -28.57
N SER B 109 3.48 4.00 -29.18
CA SER B 109 3.71 3.25 -30.41
C SER B 109 4.42 4.10 -31.46
N GLY B 110 4.05 5.38 -31.55
CA GLY B 110 4.55 6.23 -32.64
C GLY B 110 6.03 6.52 -32.54
N TYR B 111 6.64 6.26 -31.38
CA TYR B 111 8.06 6.52 -31.22
C TYR B 111 8.89 5.60 -32.08
N PHE B 112 8.37 4.42 -32.37
CA PHE B 112 9.17 3.33 -32.89
C PHE B 112 9.10 3.24 -34.40
N LYS B 113 10.28 3.07 -35.02
CA LYS B 113 10.40 3.21 -36.46
C LYS B 113 9.43 2.32 -37.23
N SER B 114 9.12 1.14 -36.71
CA SER B 114 8.14 0.26 -37.36
C SER B 114 7.27 -0.40 -36.31
N GLY B 115 6.92 0.34 -35.27
CA GLY B 115 5.99 -0.13 -34.27
C GLY B 115 6.61 -1.05 -33.25
N LEU B 116 5.81 -1.37 -32.25
CA LEU B 116 6.22 -2.22 -31.16
C LEU B 116 6.28 -3.67 -31.59
N LYS B 117 7.26 -4.42 -31.07
CA LYS B 117 7.32 -5.86 -31.28
C LYS B 117 7.45 -6.51 -29.92
N TYR B 118 6.99 -7.76 -29.80
CA TYR B 118 6.98 -8.47 -28.53
C TYR B 118 7.67 -9.81 -28.68
N LYS B 119 8.36 -10.24 -27.63
CA LYS B 119 8.95 -11.55 -27.61
C LYS B 119 8.87 -12.16 -26.23
N LYS B 120 8.81 -13.48 -26.18
CA LYS B 120 8.67 -14.18 -24.92
C LYS B 120 9.99 -14.21 -24.15
N GLY B 121 9.87 -14.24 -22.83
CA GLY B 121 11.02 -14.39 -21.95
C GLY B 121 11.39 -13.10 -21.26
N GLY B 122 12.62 -13.06 -20.79
CA GLY B 122 13.14 -11.88 -20.13
C GLY B 122 14.07 -12.27 -19.01
N VAL B 123 14.49 -11.26 -18.24
CA VAL B 123 15.40 -11.47 -17.12
C VAL B 123 14.62 -11.96 -15.91
N ALA B 124 15.27 -12.77 -15.08
CA ALA B 124 14.59 -13.36 -13.95
C ALA B 124 14.29 -12.33 -12.86
N SER B 125 13.28 -12.65 -12.05
CA SER B 125 12.83 -11.78 -10.99
C SER B 125 13.94 -11.54 -9.96
N GLY B 126 13.93 -10.33 -9.40
CA GLY B 126 14.82 -10.04 -8.29
C GLY B 126 14.39 -10.64 -6.97
N PHE B 127 13.11 -11.00 -6.85
CA PHE B 127 12.58 -11.67 -5.67
C PHE B 127 13.14 -13.09 -5.53
#